data_3UZT
#
_entry.id   3UZT
#
_cell.length_a   113.346
_cell.length_b   139.719
_cell.length_c   60.949
_cell.angle_alpha   90.00
_cell.angle_beta   90.00
_cell.angle_gamma   90.00
#
_symmetry.space_group_name_H-M   'P 21 21 2'
#
loop_
_entity.id
_entity.type
_entity.pdbx_description
1 polymer 'Beta-adrenergic receptor kinase 1'
2 polymer 'C13.18 RNA Aptamer'
3 non-polymer 'MAGNESIUM ION'
#
loop_
_entity_poly.entity_id
_entity_poly.type
_entity_poly.pdbx_seq_one_letter_code
_entity_poly.pdbx_strand_id
1 'polypeptide(L)'
;MADLEAVLADVSYLMAMEKSKATPAARASKKILLPEPSIRSVMQKYLEDRGEVTFEKIFSQKLGYLLFRDFCLKHLEEAK
PLVEFYEEIKKYEKLETEEERLVCSREIFDTYIMKELLACSHPFSKSAIEHVQGHLVKKQVPPDLFQPYIEEICQNLRGD
VFQKFIESDKFTRFCQWKNVELNIHLTMNDFSVHRIIGRGGFGEVYGCRKADTGKMYAMKCLDKKRIKMKQGETLALNER
IMLSLVSTGDCPFIVCMSYAFHTPDKLSFILDLMNGGDLHYHLSQHGVFSEADMRFYAAEIILGLEHMHNRFVVYRDLKP
ANILLDEHGHVRISDLGLACDFSKKKPHASVGTHGYMAPEVLQKGVAYDSSADWFSLGCMLFKLLRGHSPFRQHKTKDKH
EIDRMTLTMAVELPDSFSPELRSLLEGLLQRDVNRRLGCLGRGAQEVKESPFFRSLDWQMVFLQKYPPPLIPPRGEVNAA
DAFDIGSFDEEDTKGIKLLDSDQELYRNFPLTISERWQQEVAETVFDTINAETDRLEARKKTKNKQLGHEEDYALGKDCI
MHGYMSKMGNPFLTQWQRRYFYLFPNRLEWRGEGEAPQSLLTMEEIQSVEETQIKERKCLLLKIRGGKQFVLQCDSDPEL
VQWKKELRDAYREAQQLVQRVPKMKNKPRAPVVELSKVPLIQRGSANGL
;
A
2 'polyribonucleotide' CCAUACGGGAGAGAAACU B
#
# COMPACT_ATOMS: atom_id res chain seq x y z
N LYS A 30 11.83 1.89 21.46
CA LYS A 30 11.50 1.74 20.00
C LYS A 30 9.99 1.53 19.82
N LYS A 31 9.42 0.63 20.62
CA LYS A 31 8.01 0.26 20.53
C LYS A 31 7.10 1.47 20.34
N ILE A 32 6.21 1.38 19.36
CA ILE A 32 5.29 2.46 19.05
C ILE A 32 4.26 2.58 20.15
N LEU A 33 4.41 3.58 21.01
CA LEU A 33 3.40 3.84 22.02
C LEU A 33 2.23 4.51 21.33
N LEU A 34 1.03 4.21 21.80
CA LEU A 34 -0.19 4.76 21.24
C LEU A 34 -0.63 6.00 22.00
N PRO A 35 -1.43 6.85 21.34
CA PRO A 35 -1.98 8.05 21.98
C PRO A 35 -3.15 7.73 22.92
N GLU A 36 -3.63 8.76 23.61
CA GLU A 36 -4.71 8.59 24.59
C GLU A 36 -6.07 8.41 23.91
N PRO A 37 -7.06 7.85 24.65
CA PRO A 37 -8.44 7.76 24.17
C PRO A 37 -9.14 9.11 23.94
N SER A 38 -8.66 10.16 24.61
CA SER A 38 -9.15 11.52 24.41
C SER A 38 -9.03 11.96 22.95
N ILE A 39 -8.00 11.45 22.28
CA ILE A 39 -7.75 11.71 20.86
C ILE A 39 -9.01 11.57 20.00
N ARG A 40 -9.88 10.63 20.36
CA ARG A 40 -11.11 10.31 19.59
C ARG A 40 -11.84 11.51 19.00
N SER A 41 -12.09 12.52 19.82
CA SER A 41 -12.85 13.69 19.41
C SER A 41 -12.16 14.41 18.26
N VAL A 42 -10.89 14.78 18.47
CA VAL A 42 -10.11 15.50 17.46
C VAL A 42 -9.99 14.69 16.17
N MET A 43 -9.78 13.39 16.32
CA MET A 43 -9.59 12.50 15.17
C MET A 43 -10.88 12.25 14.40
N GLN A 44 -11.95 11.89 15.11
CA GLN A 44 -13.22 11.65 14.46
C GLN A 44 -13.65 12.87 13.66
N LYS A 45 -13.41 14.06 14.22
CA LYS A 45 -13.62 15.30 13.49
C LYS A 45 -12.75 15.39 12.24
N TYR A 46 -11.50 14.96 12.34
CA TYR A 46 -10.63 14.85 11.18
C TYR A 46 -11.29 13.93 10.15
N LEU A 47 -11.44 12.66 10.53
CA LEU A 47 -11.81 11.60 9.58
C LEU A 47 -13.17 11.82 8.92
N GLU A 48 -14.14 12.32 9.68
CA GLU A 48 -15.48 12.53 9.13
C GLU A 48 -15.49 13.44 7.91
N ASP A 49 -14.74 14.55 8.00
CA ASP A 49 -14.59 15.49 6.88
C ASP A 49 -13.93 14.81 5.67
N ARG A 50 -13.16 13.76 5.93
CA ARG A 50 -12.48 12.97 4.91
C ARG A 50 -13.29 11.72 4.53
N GLY A 51 -14.54 11.67 5.01
CA GLY A 51 -15.47 10.59 4.67
C GLY A 51 -14.96 9.18 4.89
N GLU A 52 -14.08 8.99 5.87
CA GLU A 52 -13.56 7.66 6.21
C GLU A 52 -14.33 7.01 7.36
N VAL A 53 -15.51 7.55 7.68
CA VAL A 53 -16.42 6.94 8.63
C VAL A 53 -17.49 6.14 7.87
N THR A 54 -17.02 5.38 6.88
CA THR A 54 -17.87 4.54 6.06
C THR A 54 -17.42 3.11 6.31
N PHE A 55 -18.38 2.20 6.33
CA PHE A 55 -18.07 0.77 6.41
C PHE A 55 -17.01 0.43 5.36
N GLU A 56 -17.16 1.00 4.17
CA GLU A 56 -16.33 0.65 3.03
C GLU A 56 -14.85 0.82 3.36
N LYS A 57 -14.44 2.05 3.63
CA LYS A 57 -13.02 2.37 3.84
C LYS A 57 -12.51 1.74 5.12
N ILE A 58 -13.37 1.70 6.13
CA ILE A 58 -12.99 1.12 7.41
C ILE A 58 -12.75 -0.38 7.29
N PHE A 59 -13.65 -1.07 6.58
CA PHE A 59 -13.49 -2.49 6.33
C PHE A 59 -12.33 -2.77 5.37
N SER A 60 -12.23 -1.99 4.29
CA SER A 60 -11.18 -2.18 3.28
C SER A 60 -9.77 -2.01 3.87
N GLN A 61 -9.67 -1.27 4.96
CA GLN A 61 -8.41 -1.17 5.70
C GLN A 61 -8.21 -2.41 6.55
N LYS A 62 -6.96 -2.86 6.63
CA LYS A 62 -6.59 -4.08 7.33
C LYS A 62 -6.87 -3.94 8.83
N LEU A 63 -6.31 -2.90 9.43
CA LEU A 63 -6.44 -2.68 10.87
C LEU A 63 -7.86 -2.35 11.27
N GLY A 64 -8.61 -1.71 10.38
CA GLY A 64 -10.03 -1.47 10.59
C GLY A 64 -10.83 -2.76 10.58
N TYR A 65 -10.53 -3.62 9.61
CA TYR A 65 -11.12 -4.96 9.55
C TYR A 65 -10.77 -5.73 10.82
N LEU A 66 -9.49 -5.85 11.11
CA LEU A 66 -9.03 -6.59 12.28
C LEU A 66 -9.73 -6.14 13.55
N LEU A 67 -9.85 -4.82 13.74
CA LEU A 67 -10.57 -4.29 14.90
C LEU A 67 -12.08 -4.54 14.83
N PHE A 68 -12.59 -4.72 13.63
CA PHE A 68 -13.98 -5.10 13.45
C PHE A 68 -14.20 -6.53 13.95
N ARG A 69 -13.31 -7.45 13.59
CA ARG A 69 -13.39 -8.85 14.07
C ARG A 69 -12.93 -9.01 15.53
N ASP A 70 -11.95 -8.23 15.95
CA ASP A 70 -11.61 -8.13 17.39
C ASP A 70 -12.82 -7.66 18.16
N PHE A 71 -13.64 -6.83 17.53
CA PHE A 71 -14.86 -6.30 18.12
C PHE A 71 -15.95 -7.36 18.24
N CYS A 72 -16.57 -7.70 17.12
CA CYS A 72 -17.81 -8.48 17.14
C CYS A 72 -17.64 -9.90 17.67
N LEU A 73 -16.51 -10.54 17.37
CA LEU A 73 -16.28 -11.92 17.79
C LEU A 73 -16.09 -12.02 19.30
N LYS A 74 -15.46 -11.00 19.90
CA LYS A 74 -15.36 -10.91 21.35
C LYS A 74 -16.63 -10.35 21.97
N HIS A 75 -17.08 -9.20 21.46
CA HIS A 75 -18.03 -8.36 22.18
C HIS A 75 -19.48 -8.51 21.76
N LEU A 76 -19.92 -7.80 20.72
CA LEU A 76 -21.34 -7.78 20.35
C LEU A 76 -21.82 -9.16 19.88
N GLU A 77 -22.93 -9.62 20.44
CA GLU A 77 -23.38 -11.00 20.29
C GLU A 77 -24.13 -11.28 18.99
N GLU A 78 -25.06 -10.39 18.64
CA GLU A 78 -25.94 -10.60 17.49
C GLU A 78 -25.26 -10.63 16.11
N ALA A 79 -24.00 -10.16 16.04
CA ALA A 79 -23.26 -10.13 14.78
C ALA A 79 -22.18 -11.22 14.65
N LYS A 80 -21.85 -11.90 15.76
CA LYS A 80 -20.80 -12.92 15.78
C LYS A 80 -20.84 -13.88 14.59
N PRO A 81 -22.01 -14.52 14.33
CA PRO A 81 -22.05 -15.53 13.28
C PRO A 81 -21.71 -15.00 11.91
N LEU A 82 -22.25 -13.83 11.56
CA LEU A 82 -22.05 -13.23 10.24
C LEU A 82 -20.58 -13.20 9.84
N VAL A 83 -19.72 -12.81 10.76
CA VAL A 83 -18.29 -12.75 10.51
C VAL A 83 -17.68 -14.16 10.47
N GLU A 84 -18.11 -15.03 11.39
CA GLU A 84 -17.61 -16.41 11.43
C GLU A 84 -17.81 -17.05 10.07
N PHE A 85 -19.07 -17.01 9.63
CA PHE A 85 -19.46 -17.44 8.28
C PHE A 85 -18.52 -16.80 7.25
N TYR A 86 -18.50 -15.48 7.23
CA TYR A 86 -17.67 -14.71 6.29
C TYR A 86 -16.22 -15.18 6.30
N GLU A 87 -15.60 -15.17 7.48
CA GLU A 87 -14.23 -15.63 7.64
C GLU A 87 -14.07 -17.01 7.01
N GLU A 88 -15.00 -17.90 7.32
CA GLU A 88 -14.96 -19.26 6.80
C GLU A 88 -15.08 -19.29 5.27
N ILE A 89 -15.87 -18.36 4.71
CA ILE A 89 -15.96 -18.25 3.25
C ILE A 89 -14.59 -17.94 2.66
N LYS A 90 -13.90 -16.95 3.24
CA LYS A 90 -12.60 -16.53 2.73
C LYS A 90 -11.56 -17.64 2.87
N LYS A 91 -11.53 -18.26 4.04
CA LYS A 91 -10.67 -19.42 4.25
C LYS A 91 -10.94 -20.48 3.18
N TYR A 92 -12.22 -20.72 2.89
CA TYR A 92 -12.63 -21.66 1.84
C TYR A 92 -12.07 -21.26 0.48
N GLU A 93 -12.40 -20.05 0.03
CA GLU A 93 -12.08 -19.59 -1.34
C GLU A 93 -10.75 -20.13 -1.88
N LYS A 94 -9.73 -20.12 -1.03
CA LYS A 94 -8.37 -20.42 -1.44
C LYS A 94 -7.95 -21.86 -1.12
N LEU A 95 -8.85 -22.82 -1.31
CA LEU A 95 -8.49 -24.23 -1.21
C LEU A 95 -8.05 -24.69 -2.60
N GLU A 96 -6.96 -25.46 -2.62
CA GLU A 96 -6.17 -25.66 -3.85
C GLU A 96 -6.86 -26.62 -4.79
N THR A 97 -7.22 -27.79 -4.26
CA THR A 97 -7.81 -28.85 -5.05
C THR A 97 -9.33 -28.81 -4.95
N GLU A 98 -9.98 -29.27 -6.02
CA GLU A 98 -11.44 -29.22 -6.17
C GLU A 98 -12.21 -29.98 -5.08
N GLU A 99 -11.57 -31.02 -4.54
CA GLU A 99 -12.22 -31.92 -3.59
C GLU A 99 -12.21 -31.36 -2.17
N GLU A 100 -11.16 -30.61 -1.83
CA GLU A 100 -11.08 -29.93 -0.54
C GLU A 100 -12.21 -28.90 -0.37
N ARG A 101 -12.66 -28.35 -1.50
CA ARG A 101 -13.84 -27.48 -1.54
C ARG A 101 -15.11 -28.30 -1.47
N LEU A 102 -15.11 -29.45 -2.14
CA LEU A 102 -16.23 -30.38 -2.10
C LEU A 102 -16.56 -30.77 -0.65
N VAL A 103 -15.53 -30.98 0.15
CA VAL A 103 -15.70 -31.29 1.58
C VAL A 103 -16.18 -30.07 2.35
N CYS A 104 -15.53 -28.94 2.12
CA CYS A 104 -15.76 -27.74 2.89
C CYS A 104 -17.11 -27.09 2.58
N SER A 105 -17.55 -27.19 1.33
CA SER A 105 -18.86 -26.68 0.93
C SER A 105 -19.98 -27.21 1.83
N ARG A 106 -19.88 -28.49 2.19
CA ARG A 106 -20.83 -29.13 3.09
C ARG A 106 -20.73 -28.53 4.48
N GLU A 107 -19.51 -28.49 5.01
CA GLU A 107 -19.22 -27.91 6.33
C GLU A 107 -20.04 -26.63 6.55
N ILE A 108 -19.94 -25.72 5.58
CA ILE A 108 -20.43 -24.37 5.75
C ILE A 108 -21.94 -24.29 5.65
N PHE A 109 -22.49 -24.85 4.58
CA PHE A 109 -23.93 -24.89 4.42
C PHE A 109 -24.53 -25.44 5.70
N ASP A 110 -24.09 -26.63 6.09
CA ASP A 110 -24.53 -27.24 7.35
C ASP A 110 -24.48 -26.26 8.51
N THR A 111 -23.27 -25.85 8.87
CA THR A 111 -23.05 -25.13 10.12
C THR A 111 -23.65 -23.74 10.10
N TYR A 112 -23.32 -22.97 9.07
CA TYR A 112 -23.67 -21.56 9.06
C TYR A 112 -25.01 -21.29 8.40
N ILE A 113 -25.29 -21.98 7.30
CA ILE A 113 -26.55 -21.78 6.58
C ILE A 113 -27.66 -22.67 7.16
N MET A 114 -27.46 -23.98 7.06
CA MET A 114 -28.50 -24.97 7.39
C MET A 114 -28.88 -24.98 8.87
N LYS A 115 -27.90 -24.87 9.77
CA LYS A 115 -28.16 -24.88 11.21
C LYS A 115 -28.97 -23.65 11.63
N GLU A 116 -28.64 -22.49 11.07
CA GLU A 116 -29.36 -21.24 11.36
C GLU A 116 -30.49 -20.94 10.37
N LEU A 117 -30.84 -21.94 9.54
CA LEU A 117 -31.95 -21.82 8.60
C LEU A 117 -33.26 -22.22 9.26
N LEU A 118 -33.37 -23.49 9.67
CA LEU A 118 -34.58 -24.00 10.34
C LEU A 118 -34.71 -23.51 11.79
N ALA A 119 -33.69 -22.80 12.28
CA ALA A 119 -33.75 -22.09 13.58
C ALA A 119 -34.13 -20.61 13.43
N CYS A 120 -34.40 -20.17 12.19
CA CYS A 120 -34.94 -18.84 11.88
C CYS A 120 -33.93 -17.68 11.85
N SER A 121 -32.72 -17.89 12.38
CA SER A 121 -31.72 -16.81 12.48
C SER A 121 -31.24 -16.36 11.10
N HIS A 122 -32.07 -15.59 10.41
CA HIS A 122 -31.84 -15.22 9.01
C HIS A 122 -32.68 -14.03 8.57
N PRO A 123 -32.02 -12.92 8.15
CA PRO A 123 -32.63 -11.88 7.33
C PRO A 123 -32.16 -11.93 5.86
N PHE A 124 -31.67 -13.09 5.43
CA PHE A 124 -31.20 -13.30 4.04
C PHE A 124 -32.37 -13.62 3.11
N SER A 125 -32.06 -13.87 1.84
CA SER A 125 -33.07 -14.17 0.83
C SER A 125 -33.20 -15.67 0.56
N LYS A 126 -34.26 -16.01 -0.18
CA LYS A 126 -34.47 -17.37 -0.66
C LYS A 126 -33.51 -17.66 -1.81
N SER A 127 -33.59 -16.83 -2.86
CA SER A 127 -32.77 -16.98 -4.07
C SER A 127 -31.29 -17.18 -3.77
N ALA A 128 -30.80 -16.44 -2.77
CA ALA A 128 -29.45 -16.63 -2.27
C ALA A 128 -29.14 -18.12 -2.19
N ILE A 129 -30.00 -18.86 -1.53
CA ILE A 129 -29.77 -20.28 -1.27
C ILE A 129 -30.03 -21.11 -2.52
N GLU A 130 -31.03 -20.73 -3.30
CA GLU A 130 -31.38 -21.46 -4.52
C GLU A 130 -30.20 -21.47 -5.50
N HIS A 131 -29.55 -20.33 -5.65
CA HIS A 131 -28.35 -20.23 -6.49
C HIS A 131 -27.23 -21.01 -5.87
N VAL A 132 -27.09 -20.89 -4.55
CA VAL A 132 -26.08 -21.65 -3.81
C VAL A 132 -26.35 -23.14 -3.91
N GLN A 133 -27.55 -23.54 -3.52
CA GLN A 133 -27.96 -24.94 -3.54
C GLN A 133 -27.95 -25.48 -4.97
N GLY A 134 -28.41 -24.66 -5.91
CA GLY A 134 -28.40 -25.02 -7.33
C GLY A 134 -27.04 -25.55 -7.77
N HIS A 135 -26.00 -24.80 -7.46
CA HIS A 135 -24.62 -25.21 -7.78
C HIS A 135 -24.19 -26.32 -6.88
N LEU A 136 -24.58 -26.25 -5.61
CA LEU A 136 -24.29 -27.31 -4.66
C LEU A 136 -24.80 -28.64 -5.19
N VAL A 137 -26.06 -28.65 -5.61
CA VAL A 137 -26.72 -29.85 -6.12
C VAL A 137 -25.90 -30.59 -7.19
N LYS A 138 -25.31 -29.85 -8.11
CA LYS A 138 -24.66 -30.44 -9.29
C LYS A 138 -23.20 -30.86 -9.02
N LYS A 139 -22.82 -30.98 -7.75
CA LYS A 139 -21.46 -31.41 -7.38
C LYS A 139 -20.38 -30.49 -7.95
N GLN A 140 -20.71 -29.20 -8.05
CA GLN A 140 -19.80 -28.21 -8.64
C GLN A 140 -19.46 -27.14 -7.60
N VAL A 141 -18.17 -26.97 -7.35
CA VAL A 141 -17.67 -26.10 -6.28
C VAL A 141 -16.63 -25.08 -6.79
N PRO A 142 -17.11 -23.96 -7.35
CA PRO A 142 -16.21 -22.89 -7.76
C PRO A 142 -15.85 -22.01 -6.56
N PRO A 143 -14.79 -21.20 -6.67
CA PRO A 143 -14.38 -20.35 -5.55
C PRO A 143 -15.31 -19.16 -5.34
N ASP A 144 -15.69 -18.49 -6.42
CA ASP A 144 -16.58 -17.34 -6.37
C ASP A 144 -18.02 -17.82 -6.29
N LEU A 145 -18.34 -18.56 -5.23
CA LEU A 145 -19.63 -19.26 -5.10
C LEU A 145 -20.56 -18.50 -4.17
N PHE A 146 -20.05 -18.18 -3.00
CA PHE A 146 -20.86 -17.53 -1.98
C PHE A 146 -20.81 -16.02 -2.13
N GLN A 147 -20.08 -15.55 -3.13
CA GLN A 147 -19.95 -14.11 -3.37
C GLN A 147 -21.28 -13.35 -3.23
N PRO A 148 -22.39 -13.95 -3.71
CA PRO A 148 -23.71 -13.41 -3.38
C PRO A 148 -23.93 -13.14 -1.90
N TYR A 149 -23.63 -14.13 -1.06
CA TYR A 149 -23.76 -13.98 0.40
C TYR A 149 -22.79 -12.93 0.93
N ILE A 150 -21.55 -12.97 0.48
CA ILE A 150 -20.55 -11.96 0.85
C ILE A 150 -21.13 -10.57 0.70
N GLU A 151 -21.75 -10.31 -0.45
CA GLU A 151 -22.33 -9.02 -0.75
C GLU A 151 -23.49 -8.70 0.21
N GLU A 152 -24.45 -9.62 0.29
CA GLU A 152 -25.63 -9.39 1.11
C GLU A 152 -25.31 -9.34 2.60
N ILE A 153 -24.21 -9.99 3.00
CA ILE A 153 -23.68 -9.87 4.36
C ILE A 153 -23.38 -8.42 4.71
N CYS A 154 -22.62 -7.76 3.84
CA CYS A 154 -22.13 -6.41 4.09
C CYS A 154 -23.25 -5.40 4.34
N GLN A 155 -24.39 -5.61 3.68
CA GLN A 155 -25.57 -4.76 3.88
C GLN A 155 -26.06 -4.81 5.33
N ASN A 156 -26.06 -6.00 5.93
CA ASN A 156 -26.51 -6.18 7.31
C ASN A 156 -25.54 -5.58 8.33
N LEU A 157 -24.27 -5.49 7.95
CA LEU A 157 -23.22 -4.96 8.82
C LEU A 157 -23.16 -3.43 8.73
N ARG A 158 -23.25 -2.91 7.51
CA ARG A 158 -23.20 -1.45 7.29
C ARG A 158 -24.33 -0.70 8.00
N GLY A 159 -25.46 -1.36 8.21
CA GLY A 159 -26.64 -0.72 8.80
C GLY A 159 -26.50 -0.39 10.28
N ASP A 160 -27.12 -1.21 11.11
CA ASP A 160 -27.15 -0.96 12.56
C ASP A 160 -25.81 -1.26 13.21
N VAL A 161 -25.21 -2.39 12.83
CA VAL A 161 -23.97 -2.88 13.46
C VAL A 161 -22.80 -1.91 13.33
N PHE A 162 -22.70 -1.27 12.16
CA PHE A 162 -21.64 -0.30 11.91
C PHE A 162 -21.71 0.89 12.88
N GLN A 163 -22.94 1.33 13.17
CA GLN A 163 -23.12 2.42 14.11
C GLN A 163 -22.58 2.01 15.47
N LYS A 164 -23.03 0.86 15.97
CA LYS A 164 -22.60 0.34 17.27
C LYS A 164 -21.09 0.14 17.36
N PHE A 165 -20.48 -0.32 16.26
CA PHE A 165 -19.02 -0.41 16.19
C PHE A 165 -18.37 0.95 16.39
N ILE A 166 -18.84 1.94 15.63
CA ILE A 166 -18.29 3.30 15.68
C ILE A 166 -18.14 3.79 17.12
N GLU A 167 -19.15 3.53 17.95
CA GLU A 167 -19.09 3.89 19.35
C GLU A 167 -18.56 2.70 20.14
N SER A 168 -17.24 2.63 20.33
CA SER A 168 -16.63 1.50 21.01
C SER A 168 -15.20 1.78 21.49
N ASP A 169 -14.73 0.91 22.38
CA ASP A 169 -13.31 0.84 22.74
C ASP A 169 -12.52 0.37 21.52
N LYS A 170 -13.10 -0.54 20.75
CA LYS A 170 -12.46 -1.09 19.57
C LYS A 170 -12.57 -0.18 18.35
N PHE A 171 -13.27 0.95 18.48
CA PHE A 171 -13.14 2.04 17.51
C PHE A 171 -12.22 3.11 18.09
N THR A 172 -12.46 3.48 19.34
CA THR A 172 -11.53 4.32 20.09
C THR A 172 -10.11 3.86 19.85
N ARG A 173 -9.92 2.54 19.81
CA ARG A 173 -8.65 1.93 19.45
C ARG A 173 -8.25 2.27 18.02
N PHE A 174 -9.19 2.09 17.09
CA PHE A 174 -8.91 2.32 15.69
C PHE A 174 -8.32 3.70 15.41
N CYS A 175 -8.90 4.72 16.03
CA CYS A 175 -8.44 6.10 15.85
C CYS A 175 -7.02 6.31 16.37
N GLN A 176 -6.70 5.66 17.49
CA GLN A 176 -5.38 5.76 18.10
C GLN A 176 -4.30 5.27 17.14
N TRP A 177 -4.56 4.16 16.46
CA TRP A 177 -3.63 3.63 15.46
C TRP A 177 -3.48 4.57 14.29
N LYS A 178 -4.60 4.92 13.66
CA LYS A 178 -4.58 5.82 12.51
C LYS A 178 -3.87 7.13 12.84
N ASN A 179 -3.99 7.58 14.08
CA ASN A 179 -3.26 8.75 14.54
C ASN A 179 -1.77 8.54 14.34
N VAL A 180 -1.30 7.34 14.72
CA VAL A 180 0.09 6.97 14.48
C VAL A 180 0.39 7.05 12.99
N GLU A 181 -0.41 6.36 12.19
CA GLU A 181 -0.23 6.35 10.72
C GLU A 181 0.18 7.73 10.20
N LEU A 182 -0.60 8.73 10.55
CA LEU A 182 -0.46 10.08 10.01
C LEU A 182 0.61 10.89 10.72
N ASN A 183 1.10 10.39 11.86
CA ASN A 183 2.20 11.01 12.58
C ASN A 183 3.47 10.13 12.53
N ILE A 184 3.60 9.37 11.45
CA ILE A 184 4.80 8.58 11.18
C ILE A 184 5.67 9.38 10.21
N HIS A 185 6.69 10.04 10.75
CA HIS A 185 7.71 10.73 9.96
C HIS A 185 9.03 10.15 10.36
N LEU A 186 9.90 9.90 9.39
CA LEU A 186 11.02 8.98 9.60
C LEU A 186 12.40 9.63 9.53
N THR A 187 13.35 9.02 10.24
CA THR A 187 14.73 9.51 10.34
C THR A 187 15.68 8.34 10.09
N MET A 188 16.99 8.56 10.27
CA MET A 188 17.97 7.47 10.19
C MET A 188 17.96 6.59 11.43
N ASN A 189 17.57 7.16 12.58
CA ASN A 189 17.42 6.41 13.85
C ASN A 189 16.30 5.37 13.78
N ASP A 190 15.24 5.69 13.05
CA ASP A 190 14.10 4.79 12.89
C ASP A 190 14.47 3.53 12.11
N PHE A 191 15.69 3.50 11.58
CA PHE A 191 16.20 2.30 10.92
C PHE A 191 17.54 1.88 11.51
N SER A 192 17.67 0.58 11.73
CA SER A 192 18.91 -0.03 12.18
C SER A 192 19.60 -0.68 10.97
N VAL A 193 20.41 0.11 10.26
CA VAL A 193 21.03 -0.33 9.01
C VAL A 193 22.07 -1.42 9.28
N HIS A 194 22.06 -2.45 8.42
CA HIS A 194 23.04 -3.53 8.52
C HIS A 194 24.08 -3.41 7.43
N ARG A 195 23.74 -3.83 6.22
CA ARG A 195 24.74 -4.04 5.16
C ARG A 195 24.58 -3.11 3.97
N ILE A 196 25.52 -3.20 3.03
CA ILE A 196 25.49 -2.46 1.77
C ILE A 196 25.56 -3.49 0.64
N ILE A 197 24.65 -3.37 -0.33
CA ILE A 197 24.66 -4.25 -1.50
C ILE A 197 24.20 -3.52 -2.76
N GLY A 198 24.80 -2.37 -3.04
CA GLY A 198 24.50 -1.60 -4.25
C GLY A 198 25.25 -0.28 -4.38
N ARG A 199 25.68 0.04 -5.60
CA ARG A 199 26.33 1.31 -5.92
C ARG A 199 26.06 1.66 -7.38
N GLY A 200 25.47 2.82 -7.63
CA GLY A 200 25.23 3.26 -9.00
C GLY A 200 24.44 4.54 -9.12
N GLY A 201 24.86 5.40 -10.04
CA GLY A 201 24.24 6.70 -10.26
C GLY A 201 24.37 7.59 -9.04
N PHE A 202 23.25 7.79 -8.34
CA PHE A 202 23.21 8.65 -7.18
C PHE A 202 23.36 7.82 -5.91
N GLY A 203 22.56 6.77 -5.81
CA GLY A 203 22.41 6.05 -4.55
C GLY A 203 22.94 4.63 -4.51
N GLU A 204 22.95 4.10 -3.28
CA GLU A 204 23.37 2.75 -2.99
C GLU A 204 22.17 1.98 -2.46
N VAL A 205 22.28 0.66 -2.39
CA VAL A 205 21.22 -0.18 -1.86
C VAL A 205 21.67 -0.83 -0.56
N TYR A 206 21.35 -0.17 0.55
CA TYR A 206 21.59 -0.73 1.87
C TYR A 206 20.50 -1.75 2.18
N GLY A 207 20.77 -2.57 3.20
CA GLY A 207 19.75 -3.39 3.85
C GLY A 207 19.51 -2.83 5.24
N CYS A 208 18.31 -2.99 5.77
CA CYS A 208 17.98 -2.43 7.08
C CYS A 208 16.80 -3.09 7.79
N ARG A 209 16.63 -2.73 9.05
CA ARG A 209 15.48 -3.13 9.86
C ARG A 209 14.82 -1.88 10.44
N LYS A 210 13.50 -1.79 10.29
CA LYS A 210 12.74 -0.69 10.89
C LYS A 210 12.69 -0.88 12.40
N ALA A 211 13.11 0.14 13.16
CA ALA A 211 13.14 0.06 14.61
C ALA A 211 11.73 -0.07 15.22
N ASP A 212 10.80 0.78 14.74
CA ASP A 212 9.39 0.79 15.18
C ASP A 212 8.85 -0.61 15.51
N THR A 213 9.02 -1.49 14.54
CA THR A 213 8.44 -2.83 14.56
C THR A 213 9.53 -3.90 14.56
N GLY A 214 10.43 -3.81 13.58
CA GLY A 214 11.44 -4.84 13.36
C GLY A 214 11.26 -5.51 12.01
N LYS A 215 10.96 -4.70 10.99
CA LYS A 215 10.63 -5.20 9.67
C LYS A 215 11.83 -5.04 8.74
N MET A 216 11.97 -5.97 7.81
CA MET A 216 13.14 -6.02 6.92
C MET A 216 12.89 -5.30 5.60
N TYR A 217 13.68 -4.26 5.36
CA TYR A 217 13.52 -3.45 4.17
C TYR A 217 14.84 -3.24 3.46
N ALA A 218 14.79 -3.23 2.13
CA ALA A 218 15.91 -2.79 1.31
C ALA A 218 15.81 -1.28 1.18
N MET A 219 16.84 -0.56 1.61
CA MET A 219 16.84 0.89 1.59
C MET A 219 17.66 1.37 0.40
N LYS A 220 17.06 2.22 -0.44
CA LYS A 220 17.75 2.82 -1.58
C LYS A 220 17.89 4.32 -1.34
N CYS A 221 19.13 4.77 -1.15
CA CYS A 221 19.42 6.15 -0.73
C CYS A 221 20.17 6.95 -1.80
N LEU A 222 19.42 7.60 -2.67
CA LEU A 222 19.99 8.51 -3.66
C LEU A 222 20.50 9.75 -2.93
N ASP A 223 21.62 10.29 -3.38
CA ASP A 223 22.25 11.46 -2.75
C ASP A 223 21.96 12.75 -3.52
N LYS A 224 21.45 13.76 -2.82
CA LYS A 224 20.96 15.00 -3.44
C LYS A 224 22.03 15.73 -4.24
N LYS A 225 23.25 15.76 -3.69
CA LYS A 225 24.39 16.39 -4.37
C LYS A 225 24.67 15.72 -5.73
N ARG A 226 24.75 14.39 -5.73
CA ARG A 226 24.96 13.63 -6.95
C ARG A 226 23.77 13.77 -7.88
N ILE A 227 22.59 13.90 -7.30
CA ILE A 227 21.37 14.18 -8.06
C ILE A 227 21.46 15.56 -8.73
N LYS A 228 22.05 16.53 -8.05
CA LYS A 228 22.19 17.87 -8.59
C LYS A 228 23.23 17.97 -9.71
N MET A 229 24.35 17.25 -9.58
CA MET A 229 25.44 17.32 -10.57
C MET A 229 24.98 16.84 -11.94
N LYS A 230 24.29 15.70 -11.96
CA LYS A 230 23.88 15.08 -13.20
C LYS A 230 22.55 15.64 -13.73
N GLN A 231 21.98 16.63 -13.02
CA GLN A 231 20.67 17.19 -13.33
C GLN A 231 19.58 16.10 -13.44
N GLY A 232 19.73 15.06 -12.61
CA GLY A 232 18.80 13.92 -12.60
C GLY A 232 17.79 14.02 -11.48
N GLU A 233 17.43 15.24 -11.11
CA GLU A 233 16.40 15.50 -10.11
C GLU A 233 15.08 14.99 -10.65
N THR A 234 14.84 15.26 -11.94
CA THR A 234 13.73 14.68 -12.69
C THR A 234 13.50 13.22 -12.32
N LEU A 235 14.54 12.41 -12.50
CA LEU A 235 14.43 10.96 -12.42
C LEU A 235 14.27 10.47 -10.98
N ALA A 236 14.79 11.23 -10.02
CA ALA A 236 14.65 10.88 -8.60
C ALA A 236 13.22 11.17 -8.11
N LEU A 237 12.71 12.35 -8.42
CA LEU A 237 11.34 12.72 -8.09
C LEU A 237 10.37 11.77 -8.76
N ASN A 238 10.54 11.62 -10.07
CA ASN A 238 9.81 10.65 -10.89
C ASN A 238 9.69 9.29 -10.20
N GLU A 239 10.84 8.69 -9.88
CA GLU A 239 10.89 7.35 -9.31
C GLU A 239 9.95 7.21 -8.12
N ARG A 240 9.92 8.23 -7.27
CA ARG A 240 8.98 8.25 -6.15
C ARG A 240 7.55 8.08 -6.67
N ILE A 241 7.17 8.92 -7.63
CA ILE A 241 5.83 8.88 -8.18
C ILE A 241 5.54 7.46 -8.68
N MET A 242 6.46 6.94 -9.48
CA MET A 242 6.31 5.61 -10.06
C MET A 242 6.23 4.55 -8.98
N LEU A 243 7.17 4.61 -8.04
CA LEU A 243 7.10 3.77 -6.86
C LEU A 243 5.69 3.88 -6.27
N SER A 244 5.27 5.12 -6.02
CA SER A 244 4.05 5.41 -5.26
C SER A 244 2.74 4.98 -5.93
N LEU A 245 2.74 4.90 -7.26
CA LEU A 245 1.55 4.46 -7.98
C LEU A 245 1.51 2.94 -8.14
N VAL A 246 2.66 2.33 -8.41
CA VAL A 246 2.76 0.88 -8.55
C VAL A 246 2.48 0.12 -7.25
N SER A 247 2.88 0.71 -6.13
CA SER A 247 2.92 0.00 -4.85
C SER A 247 1.56 -0.28 -4.19
N THR A 248 0.55 0.56 -4.43
CA THR A 248 -0.81 0.26 -3.96
C THR A 248 -1.39 -0.90 -4.78
N GLY A 249 -2.41 -1.55 -4.22
CA GLY A 249 -2.96 -2.77 -4.79
C GLY A 249 -2.01 -3.91 -4.49
N ASP A 250 -2.50 -4.92 -3.78
CA ASP A 250 -1.62 -5.98 -3.28
C ASP A 250 -1.07 -6.81 -4.44
N CYS A 251 0.16 -6.49 -4.83
CA CYS A 251 0.85 -7.18 -5.92
C CYS A 251 2.15 -7.83 -5.42
N PRO A 252 2.34 -9.12 -5.74
CA PRO A 252 3.49 -9.88 -5.25
C PRO A 252 4.72 -9.86 -6.16
N PHE A 253 4.56 -9.45 -7.41
CA PHE A 253 5.64 -9.57 -8.40
C PHE A 253 6.32 -8.24 -8.73
N ILE A 254 6.18 -7.26 -7.85
CA ILE A 254 6.89 -5.99 -7.97
C ILE A 254 7.55 -5.65 -6.65
N VAL A 255 8.80 -5.17 -6.69
CA VAL A 255 9.46 -4.64 -5.50
C VAL A 255 8.81 -3.32 -5.17
N CYS A 256 7.96 -3.31 -4.15
CA CYS A 256 7.10 -2.17 -3.88
C CYS A 256 7.70 -1.31 -2.78
N MET A 257 7.54 0.00 -2.91
CA MET A 257 7.96 0.94 -1.88
C MET A 257 7.07 0.76 -0.65
N SER A 258 7.44 1.39 0.45
CA SER A 258 6.63 1.39 1.65
C SER A 258 6.58 2.79 2.28
N TYR A 259 7.75 3.42 2.42
CA TYR A 259 7.84 4.84 2.78
C TYR A 259 8.87 5.56 1.93
N ALA A 260 8.69 6.87 1.80
CA ALA A 260 9.73 7.75 1.33
C ALA A 260 10.01 8.74 2.46
N PHE A 261 11.27 9.17 2.59
CA PHE A 261 11.63 10.25 3.52
C PHE A 261 12.99 10.84 3.15
N HIS A 262 13.16 12.15 3.35
CA HIS A 262 14.43 12.80 3.01
C HIS A 262 15.08 13.49 4.17
N THR A 263 16.41 13.43 4.20
CA THR A 263 17.22 14.11 5.21
C THR A 263 17.61 15.47 4.63
N PRO A 264 18.54 16.20 5.31
CA PRO A 264 19.07 17.38 4.65
C PRO A 264 19.75 17.10 3.29
N ASP A 265 20.32 15.91 3.12
CA ASP A 265 21.10 15.60 1.91
C ASP A 265 20.93 14.17 1.37
N LYS A 266 19.81 13.52 1.71
CA LYS A 266 19.55 12.13 1.28
C LYS A 266 18.09 11.87 0.94
N LEU A 267 17.85 11.19 -0.18
CA LEU A 267 16.50 10.76 -0.59
C LEU A 267 16.37 9.25 -0.38
N SER A 268 15.46 8.85 0.51
CA SER A 268 15.30 7.44 0.83
C SER A 268 13.99 6.84 0.32
N PHE A 269 14.11 5.68 -0.32
CA PHE A 269 12.96 4.84 -0.63
C PHE A 269 13.08 3.57 0.20
N ILE A 270 11.96 3.15 0.79
CA ILE A 270 11.92 1.94 1.60
C ILE A 270 11.21 0.85 0.82
N LEU A 271 11.93 -0.23 0.52
CA LEU A 271 11.48 -1.21 -0.46
C LEU A 271 11.57 -2.66 0.07
N ASP A 272 10.75 -3.53 -0.51
CA ASP A 272 10.70 -4.94 -0.11
C ASP A 272 12.04 -5.64 -0.35
N LEU A 273 12.57 -6.27 0.70
CA LEU A 273 13.89 -6.91 0.64
C LEU A 273 13.87 -8.20 -0.20
N MET A 274 14.94 -8.42 -0.95
CA MET A 274 15.05 -9.55 -1.88
C MET A 274 16.44 -10.18 -1.78
N ASN A 275 16.49 -11.45 -1.39
CA ASN A 275 17.76 -12.08 -1.03
C ASN A 275 18.39 -12.95 -2.12
N GLY A 276 17.56 -13.65 -2.89
CA GLY A 276 18.06 -14.59 -3.89
C GLY A 276 18.64 -13.95 -5.14
N GLY A 277 19.69 -13.16 -4.97
CA GLY A 277 20.37 -12.48 -6.07
C GLY A 277 19.44 -11.98 -7.17
N ASP A 278 19.91 -12.12 -8.42
CA ASP A 278 19.13 -11.76 -9.61
C ASP A 278 19.13 -12.93 -10.59
N LEU A 279 18.37 -12.79 -11.68
CA LEU A 279 18.28 -13.87 -12.67
C LEU A 279 19.51 -13.97 -13.57
N HIS A 280 20.25 -12.87 -13.74
CA HIS A 280 21.47 -12.89 -14.53
C HIS A 280 22.48 -13.79 -13.85
N TYR A 281 22.62 -13.65 -12.55
CA TYR A 281 23.51 -14.50 -11.74
C TYR A 281 23.06 -15.97 -11.73
N HIS A 282 21.77 -16.19 -11.54
CA HIS A 282 21.22 -17.56 -11.52
C HIS A 282 21.13 -18.18 -12.88
N LEU A 283 21.06 -17.35 -13.92
CA LEU A 283 21.17 -17.84 -15.29
C LEU A 283 22.56 -18.43 -15.52
N SER A 284 23.57 -17.87 -14.86
CA SER A 284 24.94 -18.38 -15.00
C SER A 284 25.07 -19.78 -14.38
N GLN A 285 24.72 -19.90 -13.11
CA GLN A 285 24.91 -21.15 -12.36
C GLN A 285 24.11 -22.32 -12.96
N HIS A 286 22.85 -22.07 -13.27
CA HIS A 286 21.96 -23.08 -13.85
C HIS A 286 22.24 -23.30 -15.31
N GLY A 287 22.87 -22.32 -15.97
CA GLY A 287 23.03 -22.34 -17.43
C GLY A 287 21.70 -21.95 -18.07
N VAL A 288 21.42 -22.50 -19.24
CA VAL A 288 20.13 -22.26 -19.89
C VAL A 288 19.01 -22.91 -19.06
N PHE A 289 17.80 -22.41 -19.22
CA PHE A 289 16.65 -22.92 -18.48
C PHE A 289 15.79 -23.85 -19.31
N SER A 290 15.10 -24.75 -18.62
CA SER A 290 14.08 -25.57 -19.25
C SER A 290 12.85 -24.71 -19.55
N GLU A 291 12.03 -25.19 -20.47
CA GLU A 291 10.84 -24.45 -20.90
C GLU A 291 9.81 -24.39 -19.76
N ALA A 292 9.45 -25.55 -19.23
CA ALA A 292 8.46 -25.63 -18.15
C ALA A 292 8.91 -24.86 -16.91
N ASP A 293 10.21 -24.87 -16.67
CA ASP A 293 10.79 -24.09 -15.58
C ASP A 293 10.55 -22.61 -15.88
N MET A 294 11.13 -22.16 -16.99
CA MET A 294 11.07 -20.76 -17.41
C MET A 294 9.63 -20.24 -17.42
N ARG A 295 8.71 -21.09 -17.88
CA ARG A 295 7.29 -20.74 -17.93
C ARG A 295 6.82 -20.12 -16.62
N PHE A 296 7.27 -20.66 -15.50
CA PHE A 296 6.98 -20.12 -14.17
C PHE A 296 7.30 -18.63 -14.08
N TYR A 297 8.55 -18.27 -14.38
CA TYR A 297 8.98 -16.87 -14.29
C TYR A 297 8.16 -15.99 -15.21
N ALA A 298 8.11 -16.36 -16.48
CA ALA A 298 7.30 -15.65 -17.46
C ALA A 298 5.99 -15.20 -16.85
N ALA A 299 5.26 -16.16 -16.28
CA ALA A 299 3.96 -15.87 -15.70
C ALA A 299 4.08 -14.83 -14.60
N GLU A 300 4.90 -15.15 -13.59
CA GLU A 300 5.12 -14.23 -12.46
C GLU A 300 5.22 -12.81 -13.00
N ILE A 301 6.10 -12.63 -13.96
CA ILE A 301 6.40 -11.33 -14.54
C ILE A 301 5.18 -10.68 -15.16
N ILE A 302 4.48 -11.45 -15.99
CA ILE A 302 3.32 -10.96 -16.71
C ILE A 302 2.29 -10.32 -15.80
N LEU A 303 2.01 -10.99 -14.68
CA LEU A 303 1.10 -10.45 -13.67
C LEU A 303 1.63 -9.15 -13.08
N GLY A 304 2.94 -9.08 -12.87
CA GLY A 304 3.57 -7.84 -12.42
C GLY A 304 3.40 -6.79 -13.49
N LEU A 305 3.88 -7.08 -14.68
CA LEU A 305 3.66 -6.23 -15.83
C LEU A 305 2.21 -5.75 -15.87
N GLU A 306 1.27 -6.68 -15.78
CA GLU A 306 -0.15 -6.34 -15.84
C GLU A 306 -0.46 -5.18 -14.90
N HIS A 307 -0.01 -5.30 -13.66
CA HIS A 307 -0.28 -4.28 -12.63
C HIS A 307 0.16 -2.90 -13.06
N MET A 308 1.25 -2.82 -13.82
CA MET A 308 1.78 -1.54 -14.29
C MET A 308 0.95 -0.96 -15.43
N HIS A 309 0.58 -1.80 -16.38
CA HIS A 309 -0.21 -1.36 -17.53
C HIS A 309 -1.60 -0.94 -17.12
N ASN A 310 -2.06 -1.45 -15.98
CA ASN A 310 -3.31 -1.00 -15.38
C ASN A 310 -3.17 0.44 -14.90
N ARG A 311 -2.03 0.75 -14.28
CA ARG A 311 -1.78 2.08 -13.75
C ARG A 311 -0.96 2.93 -14.73
N PHE A 312 -0.94 2.52 -15.99
CA PHE A 312 -0.31 3.27 -17.06
C PHE A 312 1.16 3.55 -16.77
N VAL A 313 1.92 2.48 -16.58
CA VAL A 313 3.36 2.56 -16.41
C VAL A 313 4.02 1.59 -17.39
N VAL A 314 5.17 1.99 -17.90
CA VAL A 314 5.98 1.12 -18.75
C VAL A 314 7.36 0.99 -18.12
N TYR A 315 7.78 -0.25 -17.87
CA TYR A 315 9.08 -0.52 -17.25
C TYR A 315 10.23 -0.27 -18.24
N ARG A 316 10.01 -0.63 -19.51
CA ARG A 316 10.95 -0.36 -20.61
C ARG A 316 12.26 -1.13 -20.50
N ASP A 317 12.64 -1.44 -19.27
CA ASP A 317 13.96 -1.90 -18.93
C ASP A 317 13.99 -3.43 -18.77
N LEU A 318 12.84 -4.08 -18.92
CA LEU A 318 12.66 -5.49 -18.51
C LEU A 318 13.85 -6.37 -18.85
N LYS A 319 14.35 -7.09 -17.85
CA LYS A 319 15.60 -7.84 -17.96
C LYS A 319 15.78 -8.79 -16.75
N PRO A 320 16.47 -9.93 -16.93
CA PRO A 320 16.78 -10.81 -15.80
C PRO A 320 17.37 -10.09 -14.58
N ALA A 321 18.40 -9.28 -14.79
CA ALA A 321 19.00 -8.49 -13.72
C ALA A 321 17.99 -7.62 -12.96
N ASN A 322 17.04 -7.02 -13.69
CA ASN A 322 15.95 -6.25 -13.06
C ASN A 322 14.90 -7.13 -12.38
N ILE A 323 15.03 -8.44 -12.51
CA ILE A 323 14.17 -9.39 -11.81
C ILE A 323 14.95 -10.12 -10.72
N LEU A 324 14.51 -9.92 -9.48
CA LEU A 324 15.17 -10.47 -8.30
C LEU A 324 14.33 -11.63 -7.79
N LEU A 325 14.85 -12.34 -6.78
CA LEU A 325 14.11 -13.43 -6.14
C LEU A 325 14.12 -13.28 -4.63
N ASP A 326 13.33 -14.12 -3.97
CA ASP A 326 13.33 -14.22 -2.50
C ASP A 326 13.78 -15.61 -2.07
N GLU A 327 14.02 -15.75 -0.77
CA GLU A 327 14.44 -17.03 -0.18
C GLU A 327 13.62 -18.25 -0.61
N HIS A 328 12.33 -18.05 -0.90
CA HIS A 328 11.48 -19.14 -1.40
C HIS A 328 11.78 -19.51 -2.82
N GLY A 329 11.80 -18.50 -3.71
CA GLY A 329 12.02 -18.72 -5.15
C GLY A 329 11.09 -17.95 -6.09
N HIS A 330 10.29 -17.04 -5.54
CA HIS A 330 9.36 -16.21 -6.32
C HIS A 330 9.95 -14.86 -6.58
N VAL A 331 9.63 -14.29 -7.74
CA VAL A 331 10.35 -13.13 -8.25
C VAL A 331 9.62 -11.80 -8.07
N ARG A 332 10.35 -10.72 -8.33
CA ARG A 332 9.81 -9.37 -8.37
C ARG A 332 10.56 -8.58 -9.43
N ILE A 333 10.04 -7.41 -9.79
CA ILE A 333 10.69 -6.51 -10.72
C ILE A 333 11.36 -5.39 -9.94
N SER A 334 12.57 -5.04 -10.34
CA SER A 334 13.44 -4.20 -9.51
C SER A 334 13.35 -2.70 -9.81
N ASP A 335 14.27 -2.22 -10.64
CA ASP A 335 14.59 -0.80 -10.68
C ASP A 335 13.61 -0.04 -11.56
N LEU A 336 12.54 0.45 -10.94
CA LEU A 336 11.52 1.22 -11.65
C LEU A 336 12.13 2.40 -12.38
N GLY A 337 13.13 3.04 -11.77
CA GLY A 337 13.94 4.10 -12.39
C GLY A 337 13.64 4.44 -13.84
N LEU A 338 13.96 3.53 -14.75
CA LEU A 338 13.69 3.73 -16.18
C LEU A 338 12.26 3.35 -16.54
N ALA A 339 11.30 3.91 -15.80
CA ALA A 339 9.88 3.69 -16.06
C ALA A 339 9.18 5.03 -16.27
N CYS A 340 8.01 5.00 -16.89
CA CYS A 340 7.34 6.22 -17.33
C CYS A 340 5.81 6.11 -17.35
N ASP A 341 5.14 7.20 -16.97
CA ASP A 341 3.68 7.31 -17.02
C ASP A 341 3.23 7.79 -18.39
N PHE A 342 2.36 7.01 -19.04
CA PHE A 342 1.89 7.33 -20.39
C PHE A 342 0.38 7.57 -20.48
N SER A 343 -0.30 7.55 -19.34
CA SER A 343 -1.74 7.79 -19.31
C SER A 343 -2.09 9.08 -20.04
N LYS A 344 -1.35 10.14 -19.71
CA LYS A 344 -1.69 11.48 -20.17
C LYS A 344 -0.78 12.01 -21.26
N LYS A 345 0.37 11.37 -21.48
CA LYS A 345 1.26 11.75 -22.58
C LYS A 345 2.23 10.64 -22.92
N LYS A 346 2.12 10.09 -24.13
CA LYS A 346 3.03 9.05 -24.57
C LYS A 346 4.46 9.59 -24.70
N PRO A 347 5.45 8.82 -24.22
CA PRO A 347 6.85 9.21 -24.30
C PRO A 347 7.46 8.76 -25.62
N HIS A 348 8.47 9.48 -26.09
CA HIS A 348 9.16 9.15 -27.34
C HIS A 348 10.64 8.90 -27.16
N ALA A 349 11.09 8.79 -25.91
CA ALA A 349 12.51 8.62 -25.59
C ALA A 349 13.02 7.22 -25.93
N SER A 350 14.29 7.11 -26.31
CA SER A 350 14.89 5.81 -26.64
C SER A 350 15.55 5.18 -25.40
N VAL A 351 14.72 4.91 -24.39
CA VAL A 351 15.19 4.46 -23.09
C VAL A 351 15.06 2.94 -22.96
N GLY A 352 15.96 2.35 -22.19
CA GLY A 352 15.94 0.92 -21.88
C GLY A 352 17.32 0.30 -21.93
N THR A 353 17.44 -0.93 -21.44
CA THR A 353 18.65 -1.71 -21.63
C THR A 353 18.71 -2.11 -23.10
N HIS A 354 19.83 -1.81 -23.74
CA HIS A 354 19.93 -1.86 -25.21
C HIS A 354 19.53 -3.18 -25.80
N GLY A 355 19.65 -4.27 -25.03
CA GLY A 355 19.32 -5.61 -25.52
C GLY A 355 17.84 -5.94 -25.75
N TYR A 356 16.95 -5.15 -25.14
CA TYR A 356 15.51 -5.46 -25.17
C TYR A 356 14.64 -4.24 -25.53
N MET A 357 15.22 -3.27 -26.22
CA MET A 357 14.49 -2.08 -26.64
C MET A 357 13.72 -2.38 -27.93
N ALA A 358 12.44 -2.01 -27.94
CA ALA A 358 11.55 -2.32 -29.08
C ALA A 358 11.79 -1.42 -30.28
N PRO A 359 11.27 -1.82 -31.45
CA PRO A 359 11.26 -1.01 -32.66
C PRO A 359 10.71 0.40 -32.43
N GLU A 360 9.66 0.50 -31.63
CA GLU A 360 8.94 1.76 -31.43
C GLU A 360 9.75 2.76 -30.63
N VAL A 361 10.44 2.26 -29.61
CA VAL A 361 11.24 3.10 -28.73
C VAL A 361 12.37 3.78 -29.51
N LEU A 362 13.14 2.99 -30.25
CA LEU A 362 14.28 3.49 -31.01
C LEU A 362 13.84 4.33 -32.22
N GLN A 363 13.52 5.60 -31.97
CA GLN A 363 13.16 6.55 -33.04
C GLN A 363 13.11 7.98 -32.52
N LYS A 364 13.60 8.91 -33.34
CA LYS A 364 13.48 10.32 -33.04
C LYS A 364 12.02 10.76 -33.25
N GLY A 365 11.46 11.44 -32.26
CA GLY A 365 10.11 11.99 -32.33
C GLY A 365 9.04 10.98 -32.68
N VAL A 366 9.13 9.79 -32.07
CA VAL A 366 8.11 8.75 -32.24
C VAL A 366 7.88 8.02 -30.91
N ALA A 367 6.60 7.85 -30.57
CA ALA A 367 6.18 7.41 -29.22
C ALA A 367 5.74 5.93 -29.13
N TYR A 368 5.47 5.48 -27.90
CA TYR A 368 5.24 4.06 -27.60
C TYR A 368 4.53 3.88 -26.25
N ASP A 369 4.17 2.63 -25.94
CA ASP A 369 3.45 2.32 -24.69
C ASP A 369 3.81 0.91 -24.16
N SER A 370 2.82 0.17 -23.63
CA SER A 370 3.01 -1.20 -23.14
C SER A 370 3.83 -2.06 -24.09
N SER A 371 3.44 -2.04 -25.36
CA SER A 371 4.18 -2.69 -26.44
C SER A 371 5.62 -3.02 -26.07
N ALA A 372 6.39 -1.98 -25.75
CA ALA A 372 7.81 -2.10 -25.42
C ALA A 372 8.06 -3.20 -24.41
N ASP A 373 7.26 -3.21 -23.35
CA ASP A 373 7.38 -4.21 -22.31
C ASP A 373 7.14 -5.61 -22.87
N TRP A 374 6.13 -5.74 -23.73
CA TRP A 374 5.85 -7.04 -24.35
C TRP A 374 6.98 -7.49 -25.23
N PHE A 375 7.60 -6.55 -25.95
CA PHE A 375 8.76 -6.85 -26.77
C PHE A 375 9.93 -7.34 -25.92
N SER A 376 10.33 -6.52 -24.95
CA SER A 376 11.45 -6.84 -24.05
C SER A 376 11.29 -8.22 -23.44
N LEU A 377 10.06 -8.53 -23.01
CA LEU A 377 9.74 -9.81 -22.41
C LEU A 377 10.16 -10.98 -23.28
N GLY A 378 9.74 -10.93 -24.54
CA GLY A 378 10.08 -11.99 -25.49
C GLY A 378 11.58 -12.21 -25.55
N CYS A 379 12.32 -11.12 -25.75
CA CYS A 379 13.78 -11.16 -25.79
C CYS A 379 14.32 -11.76 -24.51
N MET A 380 13.73 -11.35 -23.40
CA MET A 380 14.11 -11.78 -22.08
C MET A 380 13.88 -13.28 -21.91
N LEU A 381 12.66 -13.73 -22.21
CA LEU A 381 12.31 -15.16 -22.16
C LEU A 381 13.23 -15.97 -23.06
N PHE A 382 13.31 -15.55 -24.32
CA PHE A 382 14.24 -16.11 -25.30
C PHE A 382 15.62 -16.29 -24.68
N LYS A 383 16.11 -15.26 -24.00
CA LYS A 383 17.44 -15.30 -23.39
C LYS A 383 17.54 -16.30 -22.22
N LEU A 384 16.43 -16.52 -21.52
CA LEU A 384 16.42 -17.47 -20.40
C LEU A 384 16.61 -18.90 -20.88
N LEU A 385 15.95 -19.24 -21.99
CA LEU A 385 16.02 -20.58 -22.56
C LEU A 385 17.24 -20.76 -23.47
N ARG A 386 17.93 -19.67 -23.79
CA ARG A 386 19.06 -19.70 -24.72
C ARG A 386 20.30 -19.00 -24.16
N GLY A 387 20.26 -17.66 -24.11
CA GLY A 387 21.45 -16.84 -23.86
C GLY A 387 21.84 -16.02 -25.08
N HIS A 388 21.48 -16.51 -26.26
CA HIS A 388 21.79 -15.86 -27.55
C HIS A 388 21.14 -14.50 -27.64
N SER A 389 21.64 -13.68 -28.57
CA SER A 389 21.16 -12.30 -28.73
C SER A 389 20.09 -12.19 -29.81
N PRO A 390 18.95 -11.57 -29.48
CA PRO A 390 18.01 -11.16 -30.51
C PRO A 390 18.57 -10.05 -31.43
N PHE A 391 18.28 -8.78 -31.14
CA PHE A 391 18.46 -7.72 -32.12
C PHE A 391 19.73 -6.86 -31.91
N ARG A 392 20.35 -6.50 -33.03
CA ARG A 392 21.50 -5.61 -33.08
C ARG A 392 21.55 -5.11 -34.52
N GLN A 393 21.94 -3.85 -34.70
CA GLN A 393 21.92 -3.24 -36.03
C GLN A 393 23.20 -3.52 -36.81
N HIS A 394 23.11 -4.41 -37.80
CA HIS A 394 24.20 -4.59 -38.79
C HIS A 394 23.74 -5.23 -40.10
N LYS A 395 22.44 -5.53 -40.25
CA LYS A 395 21.97 -6.43 -41.29
C LYS A 395 21.63 -5.73 -42.62
N THR A 396 21.73 -6.47 -43.73
CA THR A 396 21.17 -6.06 -45.03
C THR A 396 21.37 -7.10 -46.16
N LYS A 397 22.63 -7.47 -46.45
CA LYS A 397 22.98 -8.34 -47.58
C LYS A 397 24.17 -9.26 -47.23
N ASP A 398 24.91 -9.73 -48.25
CA ASP A 398 26.13 -10.53 -48.03
C ASP A 398 27.00 -10.58 -49.30
N VAL A 411 12.46 -12.19 -36.36
CA VAL A 411 13.38 -13.11 -35.69
C VAL A 411 13.20 -14.56 -36.15
N GLU A 412 14.30 -15.17 -36.58
CA GLU A 412 14.31 -16.59 -36.94
C GLU A 412 14.87 -17.40 -35.78
N LEU A 413 14.25 -18.54 -35.51
CA LEU A 413 14.45 -19.26 -34.26
C LEU A 413 15.02 -20.67 -34.49
N PRO A 414 15.73 -21.22 -33.47
CA PRO A 414 16.35 -22.55 -33.57
C PRO A 414 15.38 -23.73 -33.40
N ASP A 415 15.91 -24.95 -33.52
CA ASP A 415 15.12 -26.18 -33.51
C ASP A 415 15.18 -26.91 -32.15
N SER A 416 14.98 -26.15 -31.07
CA SER A 416 14.89 -26.74 -29.73
C SER A 416 13.63 -26.23 -29.02
N PHE A 417 12.57 -26.07 -29.79
CA PHE A 417 11.33 -25.43 -29.33
C PHE A 417 10.11 -26.29 -29.62
N SER A 418 9.18 -26.35 -28.67
CA SER A 418 7.85 -26.85 -28.96
C SER A 418 7.13 -25.76 -29.75
N PRO A 419 6.28 -26.14 -30.73
CA PRO A 419 5.50 -25.15 -31.49
C PRO A 419 4.68 -24.18 -30.61
N GLU A 420 4.26 -24.66 -29.44
CA GLU A 420 3.57 -23.84 -28.45
C GLU A 420 4.46 -22.70 -27.94
N LEU A 421 5.74 -23.04 -27.73
CA LEU A 421 6.74 -22.07 -27.30
C LEU A 421 7.04 -21.09 -28.42
N ARG A 422 7.23 -21.61 -29.62
CA ARG A 422 7.40 -20.79 -30.81
C ARG A 422 6.25 -19.80 -30.93
N SER A 423 5.03 -20.34 -31.05
CA SER A 423 3.82 -19.53 -31.18
C SER A 423 3.87 -18.28 -30.31
N LEU A 424 4.23 -18.48 -29.04
CA LEU A 424 4.33 -17.37 -28.09
C LEU A 424 5.33 -16.32 -28.56
N LEU A 425 6.62 -16.66 -28.55
CA LEU A 425 7.68 -15.69 -28.80
C LEU A 425 7.46 -14.92 -30.10
N GLU A 426 7.13 -15.65 -31.16
CA GLU A 426 6.81 -15.05 -32.46
C GLU A 426 5.84 -13.88 -32.28
N GLY A 427 4.73 -14.15 -31.60
CA GLY A 427 3.69 -13.15 -31.37
C GLY A 427 4.12 -12.01 -30.49
N LEU A 428 4.96 -12.30 -29.50
CA LEU A 428 5.51 -11.26 -28.62
C LEU A 428 6.53 -10.39 -29.34
N LEU A 429 7.31 -11.02 -30.22
CA LEU A 429 8.40 -10.34 -30.92
C LEU A 429 8.08 -10.13 -32.39
N GLN A 430 6.92 -9.53 -32.65
CA GLN A 430 6.61 -9.05 -33.99
C GLN A 430 7.29 -7.68 -34.10
N ARG A 431 7.90 -7.42 -35.25
CA ARG A 431 8.66 -6.19 -35.46
C ARG A 431 7.75 -4.95 -35.50
N ASP A 432 6.44 -5.19 -35.56
CA ASP A 432 5.46 -4.15 -35.85
C ASP A 432 4.46 -4.04 -34.69
N VAL A 433 3.91 -2.85 -34.51
CA VAL A 433 3.19 -2.49 -33.28
C VAL A 433 1.90 -3.27 -33.07
N ASN A 434 0.96 -3.13 -34.00
CA ASN A 434 -0.36 -3.77 -33.91
C ASN A 434 -0.31 -5.27 -34.21
N ARG A 435 0.85 -5.75 -34.63
CA ARG A 435 1.05 -7.14 -34.99
C ARG A 435 1.26 -8.04 -33.76
N ARG A 436 1.81 -7.47 -32.68
CA ARG A 436 2.26 -8.27 -31.54
C ARG A 436 1.22 -8.42 -30.42
N LEU A 437 1.55 -9.29 -29.46
CA LEU A 437 0.66 -9.59 -28.33
C LEU A 437 0.60 -8.47 -27.32
N GLY A 438 -0.43 -8.50 -26.48
CA GLY A 438 -0.64 -7.51 -25.44
C GLY A 438 -0.87 -6.10 -25.96
N CYS A 439 -1.32 -6.00 -27.21
CA CYS A 439 -1.43 -4.72 -27.89
C CYS A 439 -2.83 -4.52 -28.47
N LEU A 440 -3.13 -5.13 -29.62
CA LEU A 440 -4.43 -4.91 -30.28
C LEU A 440 -5.55 -5.60 -29.50
N GLY A 441 -6.00 -4.93 -28.42
CA GLY A 441 -7.11 -5.41 -27.61
C GLY A 441 -6.98 -5.13 -26.13
N ARG A 442 -6.62 -6.17 -25.38
CA ARG A 442 -6.88 -6.21 -23.95
C ARG A 442 -5.62 -6.22 -23.08
N GLY A 443 -4.46 -6.00 -23.69
CA GLY A 443 -3.19 -5.95 -22.96
C GLY A 443 -2.77 -7.29 -22.40
N ALA A 444 -2.47 -7.34 -21.11
CA ALA A 444 -1.93 -8.54 -20.45
C ALA A 444 -2.80 -9.80 -20.58
N GLN A 445 -4.06 -9.62 -20.95
CA GLN A 445 -4.99 -10.73 -21.11
C GLN A 445 -4.65 -11.53 -22.37
N GLU A 446 -4.39 -10.83 -23.46
CA GLU A 446 -3.97 -11.46 -24.72
C GLU A 446 -2.79 -12.41 -24.49
N VAL A 447 -1.83 -11.95 -23.69
CA VAL A 447 -0.66 -12.73 -23.32
C VAL A 447 -1.06 -14.00 -22.60
N LYS A 448 -1.92 -13.85 -21.60
CA LYS A 448 -2.37 -14.97 -20.77
C LYS A 448 -3.01 -16.11 -21.59
N GLU A 449 -3.76 -15.75 -22.63
CA GLU A 449 -4.53 -16.72 -23.41
C GLU A 449 -3.68 -17.70 -24.23
N SER A 450 -2.41 -17.37 -24.45
CA SER A 450 -1.50 -18.20 -25.24
C SER A 450 -1.56 -19.70 -24.88
N PRO A 451 -1.39 -20.58 -25.89
CA PRO A 451 -1.44 -22.04 -25.66
C PRO A 451 -0.20 -22.62 -24.98
N PHE A 452 0.86 -21.83 -24.85
CA PHE A 452 2.00 -22.22 -24.04
C PHE A 452 1.58 -22.29 -22.56
N PHE A 453 0.56 -21.51 -22.20
CA PHE A 453 -0.08 -21.61 -20.89
C PHE A 453 -1.39 -22.38 -20.98
N ARG A 454 -1.45 -23.36 -21.88
CA ARG A 454 -2.63 -24.20 -22.02
C ARG A 454 -2.89 -24.98 -20.73
N SER A 455 -1.81 -25.33 -20.02
CA SER A 455 -1.91 -25.99 -18.73
C SER A 455 -1.36 -25.10 -17.63
N LEU A 456 -2.11 -24.04 -17.29
CA LEU A 456 -1.71 -23.11 -16.23
C LEU A 456 -2.86 -22.23 -15.73
N ASP A 457 -3.20 -22.36 -14.45
CA ASP A 457 -4.19 -21.48 -13.81
C ASP A 457 -3.51 -20.22 -13.30
N TRP A 458 -4.12 -19.07 -13.59
CA TRP A 458 -3.48 -17.77 -13.35
C TRP A 458 -3.88 -17.12 -12.05
N GLN A 459 -5.01 -17.52 -11.48
CA GLN A 459 -5.38 -17.08 -10.14
C GLN A 459 -4.49 -17.78 -9.11
N MET A 460 -4.16 -19.04 -9.39
CA MET A 460 -3.27 -19.82 -8.53
C MET A 460 -1.85 -19.26 -8.55
N VAL A 461 -1.39 -18.86 -9.74
CA VAL A 461 -0.09 -18.22 -9.89
C VAL A 461 0.00 -16.97 -9.02
N PHE A 462 -1.06 -16.15 -9.08
CA PHE A 462 -1.15 -14.92 -8.30
C PHE A 462 -0.99 -15.15 -6.79
N LEU A 463 -1.45 -16.31 -6.32
CA LEU A 463 -1.24 -16.71 -4.93
C LEU A 463 0.16 -17.29 -4.72
N GLN A 464 0.80 -17.69 -5.81
CA GLN A 464 2.12 -18.31 -5.79
C GLN A 464 2.06 -19.71 -5.21
N LYS A 465 1.05 -20.47 -5.65
CA LYS A 465 0.89 -21.88 -5.27
C LYS A 465 1.82 -22.78 -6.10
N TYR A 466 2.21 -22.31 -7.29
CA TYR A 466 3.04 -23.11 -8.20
C TYR A 466 4.48 -23.29 -7.68
N PRO A 467 5.09 -24.44 -7.98
CA PRO A 467 6.39 -24.78 -7.41
C PRO A 467 7.52 -24.00 -8.08
N PRO A 468 8.33 -23.29 -7.27
CA PRO A 468 9.49 -22.60 -7.85
C PRO A 468 10.46 -23.57 -8.51
N PRO A 469 11.00 -23.20 -9.68
CA PRO A 469 11.93 -24.06 -10.41
C PRO A 469 13.32 -24.07 -9.80
N LEU A 470 13.73 -22.95 -9.19
CA LEU A 470 15.06 -22.84 -8.62
C LEU A 470 15.04 -22.12 -7.26
N ILE A 471 15.39 -22.86 -6.21
CA ILE A 471 15.60 -22.32 -4.86
C ILE A 471 17.03 -21.78 -4.74
N PRO A 472 17.22 -20.61 -4.09
CA PRO A 472 18.56 -19.99 -4.09
C PRO A 472 19.57 -20.66 -3.15
N PRO A 473 20.87 -20.29 -3.27
CA PRO A 473 21.92 -20.74 -2.36
C PRO A 473 22.05 -19.81 -1.16
N ARG A 474 22.61 -20.33 -0.06
CA ARG A 474 22.71 -19.57 1.19
C ARG A 474 23.88 -18.58 1.16
N GLY A 475 23.56 -17.29 1.18
CA GLY A 475 24.56 -16.22 1.17
C GLY A 475 24.65 -15.50 2.50
N ASP A 492 34.53 12.42 -2.97
CA ASP A 492 34.18 12.39 -4.38
C ASP A 492 33.55 13.71 -4.77
N THR A 493 32.46 14.04 -4.08
CA THR A 493 31.63 15.19 -4.40
C THR A 493 31.69 16.20 -3.26
N LYS A 494 32.88 16.73 -3.03
CA LYS A 494 33.09 17.80 -2.06
C LYS A 494 32.57 19.13 -2.58
N GLY A 495 32.93 19.47 -3.82
CA GLY A 495 32.73 20.82 -4.35
C GLY A 495 31.31 21.23 -4.71
N ILE A 496 30.33 20.74 -3.95
CA ILE A 496 28.92 21.04 -4.17
C ILE A 496 28.28 21.56 -2.90
N LYS A 497 27.28 22.43 -3.05
CA LYS A 497 26.61 23.08 -1.92
C LYS A 497 25.10 22.88 -2.01
N LEU A 498 24.48 22.47 -0.90
CA LEU A 498 23.03 22.28 -0.82
C LEU A 498 22.31 23.61 -0.79
N LEU A 499 21.76 24.01 -1.94
CA LEU A 499 21.03 25.27 -2.04
C LEU A 499 19.61 25.05 -1.52
N ASP A 500 19.26 25.76 -0.45
CA ASP A 500 17.91 25.65 0.15
C ASP A 500 16.83 26.27 -0.74
N SER A 501 17.25 26.96 -1.79
CA SER A 501 16.35 27.39 -2.86
C SER A 501 15.90 26.18 -3.69
N ASP A 502 16.81 25.25 -3.94
CA ASP A 502 16.53 24.05 -4.75
C ASP A 502 15.86 22.92 -3.94
N GLN A 503 16.01 22.96 -2.62
CA GLN A 503 15.34 22.03 -1.70
C GLN A 503 13.80 22.11 -1.79
N GLU A 504 13.30 23.23 -2.31
CA GLU A 504 11.86 23.52 -2.35
C GLU A 504 11.08 22.60 -3.30
N LEU A 505 11.79 21.90 -4.18
CA LEU A 505 11.19 20.86 -5.00
C LEU A 505 11.45 19.47 -4.42
N TYR A 506 11.60 19.41 -3.11
CA TYR A 506 11.59 18.15 -2.36
C TYR A 506 10.57 18.24 -1.21
N ARG A 507 9.57 19.10 -1.41
CA ARG A 507 8.48 19.26 -0.47
C ARG A 507 7.40 18.26 -0.85
N ASN A 508 6.94 17.50 0.14
CA ASN A 508 6.11 16.33 -0.09
C ASN A 508 6.79 15.30 -0.99
N PHE A 509 8.10 15.13 -0.82
CA PHE A 509 8.78 13.92 -1.29
C PHE A 509 8.37 12.71 -0.45
N PRO A 510 8.29 12.87 0.89
CA PRO A 510 8.01 11.70 1.71
C PRO A 510 6.55 11.28 1.67
N LEU A 511 6.34 9.97 1.64
CA LEU A 511 5.01 9.42 1.62
C LEU A 511 5.00 8.08 2.32
N THR A 512 4.26 8.02 3.42
CA THR A 512 3.91 6.75 4.03
C THR A 512 2.74 6.16 3.24
N ILE A 513 2.78 4.85 3.01
CA ILE A 513 1.76 4.17 2.21
C ILE A 513 0.81 3.40 3.13
N SER A 514 -0.40 3.92 3.28
CA SER A 514 -1.37 3.40 4.25
C SER A 514 -1.51 1.88 4.20
N GLU A 515 -1.62 1.34 2.98
CA GLU A 515 -1.75 -0.10 2.76
C GLU A 515 -0.60 -0.86 3.42
N ARG A 516 0.62 -0.52 3.04
CA ARG A 516 1.80 -1.30 3.44
C ARG A 516 2.18 -1.14 4.91
N TRP A 517 1.93 0.04 5.48
CA TRP A 517 2.20 0.28 6.90
C TRP A 517 1.26 -0.48 7.78
N GLN A 518 -0.03 -0.39 7.48
CA GLN A 518 -1.06 -1.13 8.21
C GLN A 518 -0.76 -2.62 8.16
N GLN A 519 -0.35 -3.10 6.99
CA GLN A 519 0.01 -4.51 6.84
C GLN A 519 1.21 -4.79 7.72
N GLU A 520 2.31 -4.07 7.47
CA GLU A 520 3.53 -4.21 8.25
C GLU A 520 3.22 -4.31 9.73
N VAL A 521 2.49 -3.30 10.22
CA VAL A 521 2.12 -3.24 11.64
C VAL A 521 1.32 -4.47 12.03
N ALA A 522 0.23 -4.72 11.31
CA ALA A 522 -0.62 -5.87 11.57
C ALA A 522 0.22 -7.13 11.77
N GLU A 523 1.03 -7.46 10.76
CA GLU A 523 1.71 -8.74 10.71
C GLU A 523 2.87 -8.91 11.71
N THR A 524 3.10 -7.92 12.56
CA THR A 524 4.04 -8.08 13.66
C THR A 524 3.43 -7.66 15.00
N VAL A 525 3.51 -6.37 15.33
CA VAL A 525 3.11 -5.89 16.66
C VAL A 525 1.61 -5.93 16.92
N PHE A 526 0.87 -5.09 16.20
CA PHE A 526 -0.55 -4.78 16.45
C PHE A 526 -1.22 -5.48 17.65
N ASP A 527 -1.38 -6.80 17.56
CA ASP A 527 -2.13 -7.54 18.57
C ASP A 527 -1.49 -7.47 19.96
N THR A 528 -0.17 -7.61 20.03
CA THR A 528 0.55 -7.52 21.30
C THR A 528 0.53 -6.09 21.87
N ILE A 529 0.48 -5.10 20.98
CA ILE A 529 0.45 -3.68 21.36
C ILE A 529 -0.97 -3.20 21.71
N ASN A 530 -1.97 -3.97 21.31
CA ASN A 530 -3.34 -3.71 21.77
C ASN A 530 -3.48 -4.08 23.25
N ALA A 531 -2.89 -5.21 23.64
CA ALA A 531 -2.85 -5.64 25.04
C ALA A 531 -2.06 -4.67 25.91
N GLU A 532 -0.97 -4.13 25.35
CA GLU A 532 -0.16 -3.10 26.00
C GLU A 532 -1.03 -1.97 26.56
N THR A 533 -1.68 -1.23 25.68
CA THR A 533 -2.46 -0.05 26.08
C THR A 533 -3.76 -0.43 26.76
N ASP A 534 -4.35 -1.58 26.39
CA ASP A 534 -5.49 -2.12 27.14
C ASP A 534 -5.13 -2.26 28.62
N ARG A 535 -3.90 -2.70 28.87
CA ARG A 535 -3.36 -2.77 30.23
C ARG A 535 -3.24 -1.36 30.78
N LEU A 536 -2.48 -0.52 30.09
CA LEU A 536 -2.29 0.87 30.48
C LEU A 536 -3.61 1.57 30.79
N GLU A 537 -4.57 1.44 29.88
CA GLU A 537 -5.89 2.08 30.04
C GLU A 537 -6.65 1.50 31.24
N ALA A 538 -6.61 0.17 31.39
CA ALA A 538 -7.27 -0.51 32.51
C ALA A 538 -6.62 -0.20 33.85
N ARG A 539 -5.30 -0.05 33.85
CA ARG A 539 -4.53 0.22 35.06
C ARG A 539 -4.50 1.71 35.43
N LYS A 540 -5.19 2.55 34.66
CA LYS A 540 -5.29 3.97 34.97
C LYS A 540 -6.73 4.43 35.26
N LYS A 541 -7.72 3.63 34.86
CA LYS A 541 -9.12 3.95 35.16
C LYS A 541 -9.43 3.77 36.64
N THR A 542 -9.05 2.63 37.20
CA THR A 542 -9.28 2.36 38.63
C THR A 542 -8.33 3.16 39.53
N LYS A 543 -7.29 3.76 38.94
CA LYS A 543 -6.41 4.69 39.64
C LYS A 543 -7.15 5.98 40.03
N ASN A 544 -7.87 6.55 39.06
CA ASN A 544 -8.62 7.80 39.26
C ASN A 544 -9.86 7.63 40.15
N LYS A 545 -10.78 6.76 39.73
CA LYS A 545 -12.04 6.55 40.45
C LYS A 545 -11.79 5.92 41.83
N ASP A 552 -17.45 13.42 31.48
CA ASP A 552 -16.92 14.67 30.93
C ASP A 552 -17.80 15.87 31.28
N TYR A 553 -17.32 17.05 30.91
CA TYR A 553 -18.06 18.31 31.06
C TYR A 553 -18.73 18.66 29.72
N ALA A 554 -18.88 17.67 28.85
CA ALA A 554 -19.15 17.89 27.42
C ALA A 554 -20.61 17.71 27.02
N LEU A 555 -21.17 16.52 27.27
CA LEU A 555 -22.52 16.17 26.82
C LEU A 555 -23.57 17.00 27.57
N GLY A 556 -24.69 17.29 26.90
CA GLY A 556 -25.76 18.12 27.45
C GLY A 556 -25.85 19.45 26.72
N LYS A 557 -24.78 20.23 26.83
CA LYS A 557 -24.67 21.50 26.13
C LYS A 557 -24.17 21.24 24.71
N ASP A 558 -23.89 22.30 23.97
CA ASP A 558 -23.52 22.20 22.55
C ASP A 558 -22.01 22.33 22.34
N CYS A 559 -21.33 21.20 22.18
CA CYS A 559 -19.87 21.17 22.02
C CYS A 559 -19.46 20.72 20.62
N ILE A 560 -18.28 21.17 20.19
CA ILE A 560 -17.67 20.74 18.94
C ILE A 560 -16.61 19.69 19.18
N MET A 561 -15.54 20.07 19.88
CA MET A 561 -14.33 19.24 19.97
C MET A 561 -13.66 19.33 21.35
N HIS A 562 -12.73 18.42 21.61
CA HIS A 562 -11.87 18.49 22.80
C HIS A 562 -10.61 17.64 22.68
N GLY A 563 -9.48 18.18 23.16
CA GLY A 563 -8.17 17.54 22.99
C GLY A 563 -7.08 18.22 23.80
N TYR A 564 -5.82 18.05 23.40
CA TYR A 564 -4.66 18.48 24.20
C TYR A 564 -3.68 19.37 23.42
N MET A 565 -3.19 20.42 24.08
CA MET A 565 -2.23 21.38 23.50
C MET A 565 -1.48 22.11 24.64
N SER A 566 -0.81 23.22 24.34
CA SER A 566 -0.04 23.97 25.37
C SER A 566 0.14 25.48 25.06
N LYS A 567 0.82 26.21 25.96
CA LYS A 567 0.95 27.68 25.87
C LYS A 567 2.15 28.23 26.67
N MET A 568 2.30 29.57 26.72
CA MET A 568 3.30 30.22 27.61
C MET A 568 2.80 30.26 29.05
N TRP A 576 6.53 24.47 28.80
CA TRP A 576 5.17 24.51 28.24
C TRP A 576 4.23 23.68 29.05
N GLN A 577 2.99 24.16 29.16
CA GLN A 577 2.00 23.61 30.08
C GLN A 577 0.90 22.85 29.33
N ARG A 578 0.79 21.56 29.60
CA ARG A 578 -0.19 20.69 28.93
C ARG A 578 -1.59 20.94 29.50
N ARG A 579 -2.57 21.15 28.62
CA ARG A 579 -3.95 21.45 29.05
C ARG A 579 -4.99 20.71 28.19
N TYR A 580 -6.12 20.37 28.81
CA TYR A 580 -7.26 19.75 28.12
C TYR A 580 -8.22 20.88 27.70
N PHE A 581 -8.49 20.99 26.40
CA PHE A 581 -9.34 22.07 25.88
C PHE A 581 -10.71 21.57 25.45
N TYR A 582 -11.68 22.49 25.34
CA TYR A 582 -13.06 22.14 25.01
C TYR A 582 -13.73 23.25 24.20
N LEU A 583 -13.74 23.10 22.87
CA LEU A 583 -14.22 24.16 21.97
C LEU A 583 -15.74 24.19 21.83
N PHE A 584 -16.34 25.34 22.20
CA PHE A 584 -17.77 25.59 22.01
C PHE A 584 -17.97 26.48 20.79
N PRO A 585 -19.23 26.66 20.33
CA PRO A 585 -19.52 27.63 19.27
C PRO A 585 -19.24 29.10 19.63
N ASN A 586 -19.34 29.44 20.92
CA ASN A 586 -19.17 30.82 21.37
C ASN A 586 -17.89 31.09 22.20
N ARG A 587 -17.44 30.09 22.95
CA ARG A 587 -16.29 30.25 23.85
C ARG A 587 -15.27 29.11 23.70
N LEU A 588 -14.18 29.17 24.46
CA LEU A 588 -13.20 28.08 24.55
C LEU A 588 -12.66 27.93 25.98
N GLU A 589 -13.09 26.88 26.69
CA GLU A 589 -12.68 26.62 28.07
C GLU A 589 -11.45 25.71 28.13
N TRP A 590 -10.74 25.76 29.25
CA TRP A 590 -9.70 24.77 29.57
C TRP A 590 -9.49 24.63 31.06
N ARG A 591 -8.83 23.54 31.45
CA ARG A 591 -8.67 23.19 32.88
C ARG A 591 -7.58 22.15 33.14
N GLY A 592 -6.97 22.23 34.32
CA GLY A 592 -6.02 21.22 34.79
C GLY A 592 -6.74 19.94 35.19
N GLU A 593 -6.03 18.82 35.14
CA GLU A 593 -6.66 17.49 35.28
C GLU A 593 -7.02 17.11 36.72
N GLY A 594 -7.46 18.09 37.50
CA GLY A 594 -8.10 17.88 38.78
C GLY A 594 -8.92 19.10 39.16
N GLU A 595 -9.66 19.63 38.18
CA GLU A 595 -10.28 20.95 38.28
C GLU A 595 -11.56 21.07 37.45
N ALA A 596 -12.18 22.24 37.54
CA ALA A 596 -13.24 22.67 36.63
C ALA A 596 -12.65 23.74 35.69
N PRO A 597 -13.42 24.18 34.67
CA PRO A 597 -12.97 25.15 33.65
C PRO A 597 -12.24 26.40 34.18
N GLN A 598 -10.90 26.29 34.30
CA GLN A 598 -10.03 27.37 34.79
C GLN A 598 -10.31 28.73 34.13
N SER A 599 -9.94 28.83 32.86
CA SER A 599 -9.98 30.11 32.13
C SER A 599 -10.73 29.89 30.82
N LEU A 600 -10.90 30.97 30.06
CA LEU A 600 -11.69 30.94 28.83
C LEU A 600 -11.10 31.86 27.74
N LEU A 601 -11.72 31.86 26.57
CA LEU A 601 -11.33 32.73 25.45
C LEU A 601 -12.44 32.78 24.41
N THR A 602 -13.11 33.92 24.28
CA THR A 602 -14.28 34.04 23.40
C THR A 602 -13.89 34.13 21.93
N MET A 603 -14.78 33.65 21.07
CA MET A 603 -14.57 33.68 19.63
C MET A 603 -14.87 35.06 19.04
N GLU A 604 -15.68 35.83 19.76
CA GLU A 604 -16.01 37.20 19.34
C GLU A 604 -14.78 38.12 19.37
N GLU A 605 -13.72 37.71 20.06
CA GLU A 605 -12.50 38.52 20.18
C GLU A 605 -11.26 37.97 19.47
N ILE A 606 -11.34 36.81 18.81
CA ILE A 606 -10.22 36.35 17.99
C ILE A 606 -10.32 36.95 16.60
N GLN A 607 -9.17 37.33 16.04
CA GLN A 607 -9.11 37.93 14.71
C GLN A 607 -8.40 37.01 13.73
N SER A 608 -7.08 36.86 13.90
CA SER A 608 -6.23 36.15 12.95
C SER A 608 -5.80 34.80 13.49
N VAL A 609 -6.13 33.75 12.73
CA VAL A 609 -5.70 32.39 13.06
C VAL A 609 -4.81 31.86 11.92
N GLU A 610 -3.51 31.86 12.17
CA GLU A 610 -2.53 31.34 11.23
C GLU A 610 -1.80 30.19 11.91
N GLU A 611 -0.86 29.58 11.18
CA GLU A 611 0.02 28.58 11.78
C GLU A 611 1.47 28.94 11.49
N THR A 612 2.12 29.55 12.47
CA THR A 612 3.55 29.86 12.37
C THR A 612 4.32 28.68 12.95
N GLN A 613 4.85 27.86 12.05
CA GLN A 613 5.39 26.55 12.41
C GLN A 613 6.88 26.69 12.79
N ILE A 614 7.12 27.36 13.92
CA ILE A 614 8.45 27.79 14.31
C ILE A 614 9.21 26.67 15.03
N LYS A 615 10.55 26.71 14.93
CA LYS A 615 11.42 25.74 15.60
C LYS A 615 11.29 24.33 14.99
N GLU A 616 10.84 24.28 13.74
CA GLU A 616 10.56 23.02 13.04
C GLU A 616 9.48 22.22 13.77
N ARG A 617 8.43 22.92 14.18
CA ARG A 617 7.32 22.34 14.93
C ARG A 617 6.01 23.04 14.54
N LYS A 618 5.11 22.31 13.91
CA LYS A 618 3.82 22.89 13.52
C LYS A 618 3.06 23.38 14.75
N CYS A 619 2.75 24.68 14.76
CA CYS A 619 2.00 25.30 15.86
C CYS A 619 1.06 26.37 15.32
N LEU A 620 0.23 26.92 16.21
CA LEU A 620 -0.82 27.84 15.81
C LEU A 620 -0.65 29.23 16.42
N LEU A 621 -0.84 30.25 15.58
CA LEU A 621 -0.83 31.65 16.00
C LEU A 621 -2.26 32.17 16.06
N LEU A 622 -2.65 32.70 17.21
CA LEU A 622 -3.96 33.34 17.37
C LEU A 622 -3.75 34.81 17.75
N LYS A 623 -4.37 35.72 17.00
CA LYS A 623 -4.35 37.15 17.32
C LYS A 623 -5.69 37.57 17.92
N ILE A 624 -5.63 38.34 19.01
CA ILE A 624 -6.81 38.69 19.80
C ILE A 624 -7.14 40.18 19.65
N ARG A 625 -8.42 40.53 19.82
CA ARG A 625 -8.88 41.93 19.79
C ARG A 625 -8.23 42.74 20.91
N GLY A 626 -7.95 42.08 22.04
CA GLY A 626 -7.13 42.66 23.09
C GLY A 626 -5.83 43.18 22.49
N GLY A 627 -5.11 42.31 21.80
CA GLY A 627 -3.88 42.69 21.11
C GLY A 627 -2.78 41.64 21.17
N LYS A 628 -2.71 40.92 22.29
CA LYS A 628 -1.65 39.94 22.50
C LYS A 628 -1.80 38.70 21.63
N GLN A 629 -0.69 38.24 21.06
CA GLN A 629 -0.66 37.01 20.28
C GLN A 629 -0.74 35.79 21.21
N PHE A 630 -1.08 34.64 20.64
CA PHE A 630 -1.36 33.44 21.44
C PHE A 630 -0.91 32.17 20.72
N VAL A 631 -0.07 31.39 21.40
CA VAL A 631 0.63 30.28 20.76
C VAL A 631 0.19 28.93 21.31
N LEU A 632 -0.09 27.99 20.40
CA LEU A 632 -0.56 26.65 20.75
C LEU A 632 0.17 25.59 19.94
N GLN A 633 0.84 24.67 20.64
CA GLN A 633 1.53 23.55 19.99
C GLN A 633 0.73 22.27 20.16
N CYS A 634 0.65 21.49 19.07
CA CYS A 634 -0.11 20.24 19.07
C CYS A 634 0.79 19.02 19.04
N ASP A 635 0.24 17.89 19.51
CA ASP A 635 1.03 16.68 19.76
C ASP A 635 1.31 15.94 18.45
N SER A 636 0.29 15.81 17.63
CA SER A 636 0.42 15.25 16.30
C SER A 636 0.00 16.29 15.28
N ASP A 637 0.37 16.09 14.02
CA ASP A 637 -0.04 16.99 12.93
C ASP A 637 -1.55 16.93 12.67
N PRO A 638 -2.11 15.72 12.50
CA PRO A 638 -3.55 15.58 12.34
C PRO A 638 -4.36 16.42 13.32
N GLU A 639 -3.91 16.46 14.57
CA GLU A 639 -4.54 17.30 15.58
C GLU A 639 -4.52 18.78 15.17
N LEU A 640 -3.32 19.31 14.90
CA LEU A 640 -3.15 20.73 14.55
C LEU A 640 -4.02 21.12 13.37
N VAL A 641 -4.01 20.28 12.34
CA VAL A 641 -4.76 20.53 11.11
C VAL A 641 -6.27 20.63 11.40
N GLN A 642 -6.79 19.71 12.20
CA GLN A 642 -8.22 19.71 12.55
C GLN A 642 -8.54 20.79 13.60
N TRP A 643 -7.55 21.17 14.40
CA TRP A 643 -7.72 22.30 15.30
C TRP A 643 -7.84 23.56 14.51
N LYS A 644 -6.80 23.88 13.75
CA LYS A 644 -6.80 25.02 12.84
C LYS A 644 -8.19 25.25 12.20
N LYS A 645 -8.71 24.19 11.58
CA LYS A 645 -9.94 24.28 10.77
C LYS A 645 -11.17 24.67 11.57
N GLU A 646 -11.48 23.90 12.62
CA GLU A 646 -12.71 24.11 13.39
C GLU A 646 -12.68 25.42 14.20
N LEU A 647 -11.48 25.92 14.51
CA LEU A 647 -11.34 27.21 15.19
C LEU A 647 -11.70 28.37 14.28
N ARG A 648 -11.19 28.33 13.05
CA ARG A 648 -11.58 29.31 12.03
C ARG A 648 -13.09 29.27 11.79
N ASP A 649 -13.65 28.07 11.64
CA ASP A 649 -15.10 27.90 11.44
C ASP A 649 -15.92 28.47 12.59
N ALA A 650 -15.39 28.41 13.81
CA ALA A 650 -16.10 28.86 14.99
C ALA A 650 -16.36 30.37 14.97
N TYR A 651 -15.29 31.17 14.95
CA TYR A 651 -15.40 32.62 15.16
C TYR A 651 -15.95 33.39 13.97
N ARG A 652 -15.72 32.89 12.76
CA ARG A 652 -16.18 33.57 11.55
C ARG A 652 -17.70 33.61 11.46
N GLU A 653 -18.35 32.55 11.91
CA GLU A 653 -19.82 32.52 12.02
C GLU A 653 -20.27 33.15 13.34
N ALA A 654 -19.49 32.91 14.41
CA ALA A 654 -19.79 33.48 15.73
C ALA A 654 -19.77 35.00 15.72
N GLN A 655 -18.94 35.59 14.88
CA GLN A 655 -18.86 37.05 14.76
C GLN A 655 -20.10 37.61 14.04
N GLN A 656 -20.69 36.82 13.13
CA GLN A 656 -21.95 37.21 12.48
C GLN A 656 -23.13 37.07 13.44
#